data_1NZU
#
_entry.id   1NZU
#
_cell.length_a   50.22
_cell.length_b   50.22
_cell.length_c   138.25
_cell.angle_alpha   90.00
_cell.angle_beta   90.00
_cell.angle_gamma   120.00
#
_symmetry.space_group_name_H-M   'P 32'
#
loop_
_entity.id
_entity.type
_entity.pdbx_description
1 polymer 'Penicillin-binding protein 5'
2 non-polymer BETA-MERCAPTOETHANOL
3 water water
#
_entity_poly.entity_id   1
_entity_poly.type   'polypeptide(L)'
_entity_poly.pdbx_seq_one_letter_code
;DDLNIKTMIPGVPQIDAESYILIDYNSGKVLAEQNADVRRDPASLTKMMTSYVIGQAMKAGKFKETDLVTIGNDAWATGN
PVFKGSSLMFLKPGMQVPVSQLIRGINLQSGNDACVAMADFAAGSQDAFVGLMNSYVNALGLKNTHFQTVHGLDADGQYS
SARDMALIGQALIRDVPNEYSIYKEKEFTFNGIRQLNRNGLLWDNSLNVDGIKTGHTDKAGYNLVASATEGQMRLISAVM
GGRTFKGREAESKKLLTWGFRFFETVNPLKVGKEFASEPVWFGDSDRASLGVDKDVYLTIPRGRMKDLKASYVLNSSELH
APLQKNQVVGTINFQLDGKTIEQRPLVVLQEIPEGNFGDPVID
;
_entity_poly.pdbx_strand_id   A
#
loop_
_chem_comp.id
_chem_comp.type
_chem_comp.name
_chem_comp.formula
BME non-polymer BETA-MERCAPTOETHANOL 'C2 H6 O S'
#
# COMPACT_ATOMS: atom_id res chain seq x y z
N LEU A 3 -27.36 -21.53 8.83
CA LEU A 3 -26.00 -22.09 9.02
C LEU A 3 -25.04 -21.83 7.85
N ASN A 4 -25.07 -22.73 6.87
CA ASN A 4 -24.11 -22.76 5.79
C ASN A 4 -23.85 -21.56 4.86
N ILE A 5 -24.88 -20.84 4.42
CA ILE A 5 -24.60 -19.71 3.55
C ILE A 5 -23.90 -18.60 4.35
N LYS A 6 -24.18 -18.55 5.64
CA LYS A 6 -23.57 -17.57 6.55
C LYS A 6 -22.11 -17.85 6.91
N THR A 7 -21.79 -19.10 7.25
CA THR A 7 -20.42 -19.47 7.62
C THR A 7 -19.60 -19.87 6.39
N MET A 8 -20.21 -19.77 5.22
CA MET A 8 -19.59 -20.13 3.96
C MET A 8 -18.20 -19.51 3.75
N ILE A 9 -17.33 -20.25 3.07
CA ILE A 9 -16.03 -19.76 2.65
C ILE A 9 -16.09 -19.65 1.13
N PRO A 10 -16.03 -18.43 0.61
CA PRO A 10 -16.22 -18.20 -0.83
C PRO A 10 -15.11 -18.81 -1.67
N GLY A 11 -15.51 -19.38 -2.80
CA GLY A 11 -14.54 -19.93 -3.74
C GLY A 11 -13.88 -18.77 -4.47
N VAL A 12 -12.61 -18.92 -4.79
CA VAL A 12 -11.84 -17.87 -5.43
C VAL A 12 -11.92 -18.01 -6.93
N PRO A 13 -12.14 -16.91 -7.63
CA PRO A 13 -12.19 -16.92 -9.08
C PRO A 13 -10.86 -17.40 -9.67
N GLN A 14 -10.91 -17.96 -10.87
CA GLN A 14 -9.70 -18.35 -11.57
C GLN A 14 -9.01 -17.07 -12.05
N ILE A 15 -7.70 -16.99 -11.85
CA ILE A 15 -6.92 -15.84 -12.29
C ILE A 15 -5.86 -16.32 -13.28
N ASP A 16 -5.96 -15.89 -14.54
CA ASP A 16 -5.03 -16.31 -15.58
C ASP A 16 -3.71 -15.56 -15.46
N ALA A 17 -3.01 -15.78 -14.36
CA ALA A 17 -1.71 -15.16 -14.11
C ALA A 17 -0.83 -16.05 -13.23
N GLU A 18 0.46 -15.78 -13.19
CA GLU A 18 1.39 -16.59 -12.42
C GLU A 18 1.30 -16.39 -10.91
N SER A 19 0.98 -15.17 -10.49
CA SER A 19 0.85 -14.91 -9.06
C SER A 19 -0.09 -13.74 -8.80
N TYR A 20 -0.69 -13.75 -7.62
CA TYR A 20 -1.60 -12.68 -7.27
C TYR A 20 -1.85 -12.66 -5.77
N ILE A 21 -2.39 -11.55 -5.31
CA ILE A 21 -2.75 -11.42 -3.91
C ILE A 21 -3.77 -10.31 -3.82
N LEU A 22 -4.68 -10.42 -2.86
CA LEU A 22 -5.73 -9.46 -2.65
C LEU A 22 -5.75 -9.16 -1.17
N ILE A 23 -5.45 -7.92 -0.82
CA ILE A 23 -5.41 -7.55 0.59
C ILE A 23 -6.24 -6.31 0.87
N ASP A 24 -6.61 -6.14 2.14
CA ASP A 24 -7.36 -4.97 2.55
C ASP A 24 -6.35 -3.94 3.03
N TYR A 25 -6.45 -2.74 2.49
CA TYR A 25 -5.54 -1.63 2.83
C TYR A 25 -5.44 -1.35 4.33
N ASN A 26 -6.59 -1.31 4.99
CA ASN A 26 -6.64 -0.96 6.42
C ASN A 26 -6.30 -2.06 7.39
N SER A 27 -6.82 -3.26 7.17
CA SER A 27 -6.60 -4.33 8.13
C SER A 27 -5.37 -5.15 7.82
N GLY A 28 -4.98 -5.18 6.56
CA GLY A 28 -3.83 -5.96 6.15
C GLY A 28 -4.20 -7.39 5.85
N LYS A 29 -5.47 -7.72 6.03
CA LYS A 29 -5.93 -9.10 5.81
C LYS A 29 -5.75 -9.54 4.35
N VAL A 30 -5.26 -10.78 4.17
CA VAL A 30 -5.10 -11.37 2.85
C VAL A 30 -6.37 -12.17 2.54
N LEU A 31 -7.12 -11.76 1.51
CA LEU A 31 -8.40 -12.39 1.21
C LEU A 31 -8.25 -13.52 0.20
N ALA A 32 -7.16 -13.49 -0.56
CA ALA A 32 -6.88 -14.49 -1.56
C ALA A 32 -5.45 -14.30 -2.02
N GLU A 33 -4.80 -15.42 -2.36
CA GLU A 33 -3.42 -15.39 -2.83
C GLU A 33 -3.07 -16.68 -3.56
N GLN A 34 -2.13 -16.57 -4.50
CA GLN A 34 -1.59 -17.70 -5.24
C GLN A 34 -0.15 -17.37 -5.58
N ASN A 35 0.79 -18.14 -5.04
CA ASN A 35 2.21 -17.93 -5.33
C ASN A 35 2.66 -16.51 -4.97
N ALA A 36 2.08 -15.96 -3.91
CA ALA A 36 2.29 -14.58 -3.51
C ALA A 36 3.71 -14.22 -3.08
N ASP A 37 4.50 -15.23 -2.71
CA ASP A 37 5.88 -14.98 -2.33
C ASP A 37 6.89 -15.42 -3.38
N VAL A 38 6.43 -15.91 -4.53
CA VAL A 38 7.37 -16.30 -5.57
C VAL A 38 8.09 -15.08 -6.16
N ARG A 39 9.41 -15.14 -6.21
CA ARG A 39 10.20 -14.02 -6.74
C ARG A 39 10.11 -13.96 -8.26
N ARG A 40 9.77 -12.78 -8.77
CA ARG A 40 9.60 -12.53 -10.21
C ARG A 40 10.08 -11.13 -10.58
N ASP A 41 10.35 -10.96 -11.87
CA ASP A 41 10.73 -9.64 -12.37
C ASP A 41 9.49 -8.75 -12.41
N PRO A 42 9.49 -7.66 -11.64
CA PRO A 42 8.32 -6.77 -11.58
C PRO A 42 8.26 -5.77 -12.76
N ALA A 43 9.25 -5.81 -13.64
CA ALA A 43 9.30 -4.89 -14.79
C ALA A 43 9.23 -3.43 -14.31
N SER A 44 8.31 -2.65 -14.86
CA SER A 44 8.20 -1.23 -14.49
C SER A 44 7.55 -1.02 -13.11
N LEU A 45 7.07 -2.10 -12.50
CA LEU A 45 6.47 -1.99 -11.16
C LEU A 45 7.51 -1.48 -10.19
N THR A 46 8.77 -1.71 -10.51
CA THR A 46 9.87 -1.18 -9.72
C THR A 46 9.68 0.32 -9.45
N LYS A 47 9.09 1.01 -10.41
CA LYS A 47 8.79 2.44 -10.26
C LYS A 47 7.96 2.80 -9.04
N MET A 48 7.14 1.89 -8.54
CA MET A 48 6.39 2.18 -7.32
C MET A 48 7.33 2.51 -6.16
N MET A 49 8.43 1.77 -6.04
CA MET A 49 9.40 2.06 -4.98
C MET A 49 10.15 3.39 -5.22
N THR A 50 10.46 3.67 -6.48
CA THR A 50 11.16 4.89 -6.84
C THR A 50 10.30 6.04 -6.40
N SER A 51 9.03 5.95 -6.77
CA SER A 51 8.04 6.94 -6.39
C SER A 51 7.84 7.02 -4.87
N TYR A 52 7.94 5.89 -4.16
CA TYR A 52 7.85 5.91 -2.69
C TYR A 52 8.94 6.76 -2.05
N VAL A 53 10.16 6.61 -2.55
CA VAL A 53 11.32 7.34 -2.05
C VAL A 53 11.17 8.84 -2.34
N ILE A 54 10.78 9.15 -3.56
CA ILE A 54 10.55 10.54 -3.95
C ILE A 54 9.49 11.16 -3.09
N GLY A 55 8.44 10.39 -2.81
CA GLY A 55 7.37 10.88 -1.97
C GLY A 55 7.87 11.14 -0.56
N GLN A 56 8.75 10.26 -0.08
CA GLN A 56 9.28 10.45 1.26
C GLN A 56 10.10 11.75 1.25
N ALA A 57 10.95 11.92 0.23
CA ALA A 57 11.75 13.13 0.09
C ALA A 57 10.88 14.38 0.11
N MET A 58 9.75 14.35 -0.59
CA MET A 58 8.90 15.52 -0.65
C MET A 58 8.17 15.73 0.67
N LYS A 59 7.81 14.64 1.32
CA LYS A 59 7.14 14.74 2.62
C LYS A 59 8.13 15.36 3.62
N ALA A 60 9.42 15.05 3.45
CA ALA A 60 10.45 15.60 4.32
C ALA A 60 10.82 17.03 3.92
N GLY A 61 10.20 17.55 2.86
CA GLY A 61 10.40 18.91 2.43
C GLY A 61 11.70 19.23 1.72
N LYS A 62 12.34 18.20 1.16
CA LYS A 62 13.63 18.36 0.48
C LYS A 62 13.50 19.19 -0.81
N PHE A 63 12.40 18.94 -1.52
CA PHE A 63 12.06 19.70 -2.72
C PHE A 63 10.54 19.61 -2.93
N LYS A 64 10.01 20.44 -3.83
CA LYS A 64 8.58 20.46 -4.11
C LYS A 64 8.23 20.40 -5.60
N GLU A 65 6.94 20.22 -5.90
CA GLU A 65 6.49 20.05 -7.29
C GLU A 65 6.88 21.19 -8.24
N THR A 66 7.08 22.38 -7.71
CA THR A 66 7.41 23.55 -8.52
C THR A 66 8.90 23.73 -8.80
N ASP A 67 9.73 23.09 -8.00
CA ASP A 67 11.19 23.19 -8.21
C ASP A 67 11.57 22.65 -9.58
N LEU A 68 12.55 23.30 -10.18
CA LEU A 68 13.02 22.95 -11.53
C LEU A 68 14.13 21.92 -11.49
N VAL A 69 14.04 20.91 -12.34
CA VAL A 69 15.06 19.87 -12.38
C VAL A 69 15.85 19.95 -13.68
N THR A 70 17.14 19.63 -13.61
CA THR A 70 18.01 19.65 -14.79
C THR A 70 18.24 18.25 -15.34
N ILE A 71 17.89 18.07 -16.61
CA ILE A 71 18.06 16.78 -17.26
C ILE A 71 19.54 16.53 -17.56
N GLY A 72 20.11 15.53 -16.89
CA GLY A 72 21.52 15.21 -17.03
C GLY A 72 21.83 14.29 -18.19
N ASN A 73 23.10 14.30 -18.60
CA ASN A 73 23.56 13.41 -19.65
C ASN A 73 23.13 12.05 -19.19
N ASP A 74 22.80 12.01 -17.91
CA ASP A 74 22.36 10.82 -17.23
C ASP A 74 21.08 10.18 -17.76
N ALA A 75 20.01 10.98 -17.77
CA ALA A 75 18.69 10.51 -18.18
C ALA A 75 18.69 10.19 -19.66
N TRP A 76 19.42 11.01 -20.40
CA TRP A 76 19.53 10.86 -21.84
C TRP A 76 20.23 9.58 -22.23
N ALA A 77 21.31 9.27 -21.53
CA ALA A 77 22.15 8.12 -21.87
C ALA A 77 21.44 6.77 -21.78
N THR A 78 20.24 6.76 -21.23
CA THR A 78 19.53 5.49 -21.07
C THR A 78 18.35 5.34 -22.02
N GLY A 85 15.29 11.74 -29.39
CA GLY A 85 15.92 12.24 -30.61
C GLY A 85 14.88 12.51 -31.68
N SER A 86 14.52 11.45 -32.40
CA SER A 86 13.45 11.50 -33.39
C SER A 86 12.13 11.77 -32.67
N SER A 87 12.15 11.62 -31.34
CA SER A 87 10.93 11.64 -30.53
C SER A 87 10.80 12.77 -29.51
N LEU A 88 9.60 13.31 -29.39
CA LEU A 88 9.32 14.42 -28.48
C LEU A 88 9.16 13.96 -27.04
N MET A 89 8.86 12.68 -26.86
CA MET A 89 8.69 12.10 -25.53
C MET A 89 9.94 12.11 -24.67
N PHE A 90 11.11 12.21 -25.27
CA PHE A 90 12.33 12.12 -24.49
C PHE A 90 12.90 13.43 -23.99
N LEU A 91 13.26 13.44 -22.71
CA LEU A 91 13.86 14.59 -22.08
C LEU A 91 15.25 14.79 -22.68
N LYS A 92 15.52 15.99 -23.16
CA LYS A 92 16.84 16.27 -23.73
C LYS A 92 17.72 16.91 -22.68
N PRO A 93 19.01 16.59 -22.68
CA PRO A 93 19.92 17.14 -21.68
C PRO A 93 19.90 18.66 -21.68
N GLY A 94 20.08 19.25 -20.50
CA GLY A 94 20.09 20.68 -20.40
C GLY A 94 18.74 21.35 -20.24
N MET A 95 17.64 20.64 -20.52
CA MET A 95 16.34 21.27 -20.32
C MET A 95 15.99 21.23 -18.85
N GLN A 96 15.11 22.13 -18.45
CA GLN A 96 14.68 22.18 -17.07
C GLN A 96 13.20 21.85 -17.00
N VAL A 97 12.88 20.84 -16.19
CA VAL A 97 11.53 20.35 -16.08
C VAL A 97 11.16 20.36 -14.61
N PRO A 98 9.98 20.87 -14.31
CA PRO A 98 9.48 20.90 -12.94
C PRO A 98 9.27 19.47 -12.43
N VAL A 99 9.50 19.29 -11.13
CA VAL A 99 9.31 17.99 -10.48
C VAL A 99 7.89 17.50 -10.78
N SER A 100 6.92 18.41 -10.70
CA SER A 100 5.52 18.09 -10.96
C SER A 100 5.30 17.24 -12.20
N GLN A 101 6.02 17.57 -13.28
CA GLN A 101 5.90 16.83 -14.54
C GLN A 101 6.63 15.49 -14.47
N LEU A 102 7.86 15.53 -13.99
CA LEU A 102 8.70 14.34 -13.91
C LEU A 102 8.10 13.21 -13.09
N ILE A 103 7.59 13.53 -11.92
CA ILE A 103 7.05 12.47 -11.06
C ILE A 103 5.82 11.82 -11.69
N ARG A 104 5.10 12.57 -12.51
CA ARG A 104 3.96 12.04 -13.23
C ARG A 104 4.40 11.11 -14.37
N GLY A 105 5.71 11.04 -14.61
CA GLY A 105 6.24 10.12 -15.59
C GLY A 105 5.95 8.67 -15.22
N ILE A 106 5.62 8.45 -13.94
CA ILE A 106 5.31 7.11 -13.47
C ILE A 106 4.08 6.52 -14.19
N ASN A 107 3.21 7.41 -14.68
CA ASN A 107 1.96 7.02 -15.31
C ASN A 107 2.15 6.65 -16.77
N LEU A 108 3.38 6.74 -17.26
CA LEU A 108 3.68 6.49 -18.68
C LEU A 108 4.21 5.09 -18.98
N GLN A 109 4.21 4.73 -20.26
CA GLN A 109 4.74 3.44 -20.72
C GLN A 109 6.27 3.48 -20.60
N SER A 110 6.87 4.60 -21.00
CA SER A 110 8.30 4.79 -20.82
C SER A 110 8.57 5.74 -19.66
N GLY A 111 9.08 6.94 -19.95
CA GLY A 111 9.35 7.92 -18.91
C GLY A 111 10.47 7.46 -17.98
N ASN A 112 11.35 6.63 -18.51
CA ASN A 112 12.45 6.08 -17.76
C ASN A 112 13.53 7.13 -17.49
N ASP A 113 13.64 8.09 -18.41
CA ASP A 113 14.56 9.20 -18.24
C ASP A 113 14.16 10.06 -17.05
N ALA A 114 12.86 10.26 -16.90
CA ALA A 114 12.31 11.01 -15.78
C ALA A 114 12.67 10.33 -14.46
N CYS A 115 12.65 9.00 -14.42
CA CYS A 115 13.05 8.30 -13.19
C CYS A 115 14.51 8.64 -12.86
N VAL A 116 15.35 8.64 -13.89
CA VAL A 116 16.78 8.91 -13.67
C VAL A 116 17.02 10.34 -13.19
N ALA A 117 16.37 11.29 -13.84
CA ALA A 117 16.50 12.69 -13.50
C ALA A 117 16.03 12.92 -12.07
N MET A 118 14.97 12.22 -11.66
CA MET A 118 14.46 12.42 -10.32
C MET A 118 15.35 11.78 -9.30
N ALA A 119 15.95 10.66 -9.67
CA ALA A 119 16.83 9.95 -8.76
C ALA A 119 18.09 10.77 -8.46
N ASP A 120 18.68 11.34 -9.51
CA ASP A 120 19.86 12.20 -9.33
C ASP A 120 19.47 13.41 -8.48
N PHE A 121 18.29 13.96 -8.75
CA PHE A 121 17.82 15.17 -8.05
C PHE A 121 17.61 14.92 -6.55
N ALA A 122 17.12 13.74 -6.20
CA ALA A 122 16.78 13.45 -4.81
C ALA A 122 17.92 12.83 -3.99
N ALA A 123 18.88 12.20 -4.66
CA ALA A 123 19.93 11.47 -3.95
C ALA A 123 21.33 11.50 -4.59
N GLY A 124 21.51 12.34 -5.62
CA GLY A 124 22.82 12.53 -6.22
C GLY A 124 23.24 11.61 -7.35
N SER A 125 22.97 10.32 -7.19
CA SER A 125 23.29 9.36 -8.23
C SER A 125 22.23 8.27 -8.29
N GLN A 126 22.19 7.56 -9.41
CA GLN A 126 21.25 6.47 -9.56
C GLN A 126 21.54 5.36 -8.58
N ASP A 127 22.82 5.12 -8.32
CA ASP A 127 23.16 4.00 -7.46
C ASP A 127 22.88 4.26 -5.99
N ALA A 128 23.01 5.51 -5.54
CA ALA A 128 22.67 5.84 -4.16
C ALA A 128 21.15 5.81 -3.95
N PHE A 129 20.41 6.20 -4.98
CA PHE A 129 18.95 6.20 -4.91
C PHE A 129 18.53 4.76 -4.75
N VAL A 130 19.05 3.88 -5.60
CA VAL A 130 18.77 2.44 -5.49
C VAL A 130 19.10 1.94 -4.09
N GLY A 131 20.19 2.44 -3.52
CA GLY A 131 20.53 2.14 -2.14
C GLY A 131 19.41 2.55 -1.19
N LEU A 132 18.78 3.70 -1.44
CA LEU A 132 17.62 4.11 -0.64
C LEU A 132 16.43 3.20 -0.90
N MET A 133 16.22 2.81 -2.17
CA MET A 133 15.14 1.89 -2.49
C MET A 133 15.26 0.59 -1.69
N ASN A 134 16.44 0.01 -1.69
CA ASN A 134 16.68 -1.22 -0.97
C ASN A 134 16.63 -1.03 0.54
N SER A 135 16.91 0.19 1.01
CA SER A 135 16.79 0.45 2.43
C SER A 135 15.32 0.39 2.81
N TYR A 136 14.46 1.01 2.00
CA TYR A 136 13.03 1.02 2.31
C TYR A 136 12.42 -0.38 2.21
N VAL A 137 12.96 -1.20 1.31
CA VAL A 137 12.54 -2.58 1.17
C VAL A 137 12.68 -3.26 2.54
N ASN A 138 13.80 -2.95 3.19
CA ASN A 138 14.13 -3.47 4.49
C ASN A 138 13.26 -2.89 5.60
N ALA A 139 13.06 -1.58 5.57
CA ALA A 139 12.22 -0.93 6.56
C ALA A 139 10.77 -1.44 6.51
N LEU A 140 10.30 -1.82 5.32
CA LEU A 140 8.92 -2.32 5.17
C LEU A 140 8.75 -3.80 5.47
N GLY A 141 9.85 -4.48 5.81
CA GLY A 141 9.81 -5.90 6.11
C GLY A 141 9.67 -6.82 4.90
N LEU A 142 9.99 -6.31 3.71
CA LEU A 142 9.85 -7.12 2.50
C LEU A 142 10.96 -8.17 2.36
N LYS A 143 10.56 -9.42 2.22
CA LYS A 143 11.51 -10.53 2.15
C LYS A 143 11.88 -10.96 0.75
N ASN A 144 11.06 -10.62 -0.22
CA ASN A 144 11.30 -11.14 -1.57
C ASN A 144 11.41 -10.04 -2.64
N THR A 145 12.15 -8.98 -2.32
CA THR A 145 12.28 -7.82 -3.19
C THR A 145 13.68 -7.22 -3.13
N HIS A 146 14.26 -6.94 -4.29
CA HIS A 146 15.57 -6.27 -4.37
C HIS A 146 15.68 -5.57 -5.70
N PHE A 147 16.15 -4.33 -5.67
CA PHE A 147 16.24 -3.55 -6.89
C PHE A 147 17.67 -3.29 -7.34
N GLN A 148 17.84 -3.13 -8.65
CA GLN A 148 19.13 -2.78 -9.22
C GLN A 148 19.08 -1.39 -9.90
N THR A 149 17.93 -1.04 -10.46
CA THR A 149 17.79 0.25 -11.13
C THR A 149 16.53 0.93 -10.71
N VAL A 150 16.45 2.22 -10.99
CA VAL A 150 15.34 3.04 -10.59
C VAL A 150 14.14 2.92 -11.51
N HIS A 151 14.28 2.23 -12.63
CA HIS A 151 13.19 2.12 -13.59
C HIS A 151 12.88 0.69 -14.01
N GLY A 152 13.73 -0.25 -13.60
CA GLY A 152 13.53 -1.67 -13.90
C GLY A 152 13.75 -2.16 -15.32
N LEU A 153 14.60 -1.47 -16.08
CA LEU A 153 14.77 -1.79 -17.50
C LEU A 153 15.74 -2.89 -17.83
N ASP A 154 16.91 -2.71 -17.20
CA ASP A 154 18.20 -3.35 -17.49
C ASP A 154 18.53 -3.99 -16.18
N ALA A 155 17.60 -4.72 -15.60
CA ALA A 155 17.84 -5.30 -14.30
C ALA A 155 17.36 -6.72 -14.37
N ASP A 156 17.95 -7.48 -15.30
CA ASP A 156 17.54 -8.88 -15.46
C ASP A 156 17.32 -9.46 -14.07
N GLY A 157 18.17 -9.04 -13.14
CA GLY A 157 18.15 -9.56 -11.79
C GLY A 157 17.16 -8.99 -10.79
N GLN A 158 16.50 -7.88 -11.11
CA GLN A 158 15.53 -7.30 -10.16
C GLN A 158 14.38 -8.26 -9.90
N TYR A 159 13.87 -8.28 -8.66
CA TYR A 159 12.76 -9.16 -8.31
C TYR A 159 11.84 -8.61 -7.21
N SER A 160 10.60 -9.07 -7.23
CA SER A 160 9.67 -8.78 -6.15
C SER A 160 8.61 -9.89 -6.18
N SER A 161 7.50 -9.68 -5.48
CA SER A 161 6.48 -10.71 -5.44
C SER A 161 5.14 -10.05 -5.37
N ALA A 162 4.09 -10.82 -5.66
CA ALA A 162 2.74 -10.29 -5.56
C ALA A 162 2.53 -9.68 -4.16
N ARG A 163 2.93 -10.40 -3.12
CA ARG A 163 2.76 -9.86 -1.78
C ARG A 163 3.53 -8.56 -1.54
N ASP A 164 4.79 -8.54 -1.96
CA ASP A 164 5.65 -7.39 -1.69
C ASP A 164 5.23 -6.16 -2.49
N MET A 165 4.72 -6.38 -3.70
CA MET A 165 4.25 -5.27 -4.52
C MET A 165 2.96 -4.71 -3.91
N ALA A 166 2.12 -5.60 -3.39
CA ALA A 166 0.90 -5.17 -2.70
C ALA A 166 1.24 -4.33 -1.49
N LEU A 167 2.26 -4.76 -0.75
CA LEU A 167 2.70 -4.05 0.44
C LEU A 167 3.30 -2.68 0.09
N ILE A 168 4.00 -2.60 -1.04
CA ILE A 168 4.56 -1.33 -1.49
C ILE A 168 3.40 -0.41 -1.87
N GLY A 169 2.39 -0.98 -2.53
CA GLY A 169 1.18 -0.23 -2.81
C GLY A 169 0.58 0.30 -1.51
N GLN A 170 0.44 -0.57 -0.52
CA GLN A 170 -0.11 -0.14 0.76
C GLN A 170 0.71 1.00 1.38
N ALA A 171 2.03 0.89 1.32
CA ALA A 171 2.93 1.92 1.86
C ALA A 171 2.80 3.28 1.18
N LEU A 172 2.68 3.30 -0.15
CA LEU A 172 2.50 4.55 -0.87
C LEU A 172 1.30 5.30 -0.35
N ILE A 173 0.18 4.58 -0.30
CA ILE A 173 -1.07 5.17 0.13
C ILE A 173 -0.99 5.67 1.56
N ARG A 174 -0.41 4.84 2.42
CA ARG A 174 -0.33 5.12 3.84
C ARG A 174 0.67 6.22 4.16
N ASP A 175 1.93 6.00 3.76
CA ASP A 175 3.03 6.88 4.15
C ASP A 175 3.18 8.16 3.35
N VAL A 176 2.98 8.08 2.04
CA VAL A 176 3.12 9.27 1.18
C VAL A 176 1.87 9.58 0.34
N PRO A 177 0.76 9.88 1.01
CA PRO A 177 -0.51 10.13 0.30
C PRO A 177 -0.46 11.23 -0.76
N ASN A 178 0.37 12.25 -0.60
CA ASN A 178 0.45 13.27 -1.64
C ASN A 178 1.10 12.73 -2.91
N GLU A 179 2.03 11.80 -2.77
CA GLU A 179 2.64 11.20 -3.96
C GLU A 179 1.61 10.29 -4.64
N TYR A 180 0.84 9.57 -3.82
CA TYR A 180 -0.19 8.67 -4.33
C TYR A 180 -1.34 9.32 -5.15
N SER A 181 -1.76 10.52 -4.80
CA SER A 181 -2.86 11.15 -5.53
C SER A 181 -2.55 11.34 -7.04
N ILE A 182 -1.26 11.32 -7.37
CA ILE A 182 -0.80 11.42 -8.74
C ILE A 182 -1.25 10.29 -9.66
N TYR A 183 -1.38 9.08 -9.10
CA TYR A 183 -1.72 7.88 -9.89
C TYR A 183 -3.08 7.88 -10.60
N LYS A 184 -4.04 8.64 -10.08
CA LYS A 184 -5.38 8.65 -10.68
C LYS A 184 -5.59 9.70 -11.76
N GLU A 185 -4.60 10.54 -12.01
CA GLU A 185 -4.76 11.56 -13.05
C GLU A 185 -4.74 10.91 -14.42
N LYS A 186 -5.87 11.02 -15.12
CA LYS A 186 -6.05 10.39 -16.44
C LYS A 186 -5.26 11.06 -17.53
N GLU A 187 -5.05 12.36 -17.39
CA GLU A 187 -4.29 13.13 -18.36
C GLU A 187 -3.47 14.21 -17.68
N PHE A 188 -2.25 14.41 -18.16
CA PHE A 188 -1.35 15.36 -17.54
C PHE A 188 -0.31 15.76 -18.56
N THR A 189 0.43 16.82 -18.24
CA THR A 189 1.47 17.32 -19.12
C THR A 189 2.80 16.66 -18.78
N PHE A 190 3.48 16.13 -19.80
CA PHE A 190 4.82 15.58 -19.60
C PHE A 190 5.70 16.03 -20.76
N ASN A 191 6.70 16.85 -20.46
CA ASN A 191 7.63 17.38 -21.47
C ASN A 191 6.94 18.23 -22.51
N GLY A 192 5.95 19.00 -22.07
CA GLY A 192 5.21 19.87 -22.96
C GLY A 192 4.13 19.17 -23.76
N ILE A 193 3.95 17.86 -23.55
CA ILE A 193 2.97 17.09 -24.32
C ILE A 193 1.87 16.46 -23.46
N ARG A 194 0.63 16.50 -23.96
CA ARG A 194 -0.49 15.90 -23.25
C ARG A 194 -0.43 14.38 -23.37
N GLN A 195 -0.40 13.71 -22.23
CA GLN A 195 -0.25 12.26 -22.19
C GLN A 195 -1.36 11.56 -21.41
N LEU A 196 -1.70 10.33 -21.80
CA LEU A 196 -2.73 9.59 -21.10
C LEU A 196 -2.11 8.62 -20.11
N ASN A 197 -2.76 8.47 -18.96
CA ASN A 197 -2.37 7.50 -17.95
C ASN A 197 -2.54 6.08 -18.53
N ARG A 198 -1.54 5.22 -18.30
CA ARG A 198 -1.57 3.81 -18.75
C ARG A 198 -2.53 2.90 -17.98
N ASN A 199 -3.00 3.35 -16.83
CA ASN A 199 -3.88 2.52 -16.03
C ASN A 199 -5.32 2.63 -16.53
N GLY A 200 -5.68 1.77 -17.47
CA GLY A 200 -7.00 1.82 -18.06
C GLY A 200 -8.14 1.66 -17.08
N LEU A 201 -7.88 0.97 -15.96
CA LEU A 201 -8.92 0.72 -14.97
C LEU A 201 -9.43 2.02 -14.34
N LEU A 202 -8.68 3.10 -14.50
CA LEU A 202 -9.13 4.42 -14.03
C LEU A 202 -10.40 4.87 -14.75
N TRP A 203 -10.61 4.36 -15.97
CA TRP A 203 -11.78 4.72 -16.77
C TRP A 203 -12.97 3.76 -16.56
N ASP A 204 -12.77 2.73 -15.73
CA ASP A 204 -13.85 1.79 -15.48
C ASP A 204 -14.90 2.43 -14.59
N ASN A 205 -16.11 2.57 -15.10
CA ASN A 205 -17.14 3.23 -14.30
C ASN A 205 -17.90 2.32 -13.33
N SER A 206 -17.54 1.05 -13.31
CA SER A 206 -18.15 0.07 -12.41
C SER A 206 -17.46 0.06 -11.05
N LEU A 207 -16.14 0.21 -11.07
CA LEU A 207 -15.32 0.22 -9.88
C LEU A 207 -14.74 1.62 -9.68
N ASN A 208 -14.41 1.99 -8.45
CA ASN A 208 -13.68 3.21 -8.28
C ASN A 208 -12.18 2.94 -8.10
N VAL A 209 -11.46 2.76 -9.20
CA VAL A 209 -10.04 2.45 -9.15
C VAL A 209 -9.20 3.74 -9.17
N ASP A 210 -8.23 3.87 -8.27
CA ASP A 210 -7.41 5.10 -8.23
C ASP A 210 -5.89 4.89 -8.22
N GLY A 211 -5.43 3.68 -8.49
CA GLY A 211 -4.02 3.34 -8.53
C GLY A 211 -3.96 1.93 -9.08
N ILE A 212 -2.76 1.42 -9.37
CA ILE A 212 -1.51 2.10 -9.06
C ILE A 212 -0.50 2.10 -10.20
N LYS A 213 -0.09 0.93 -10.66
CA LYS A 213 0.96 0.85 -11.69
C LYS A 213 0.73 -0.41 -12.51
N THR A 214 0.67 -0.25 -13.82
CA THR A 214 0.57 -1.40 -14.70
C THR A 214 1.86 -1.45 -15.52
N GLY A 215 2.26 -2.65 -15.91
CA GLY A 215 3.47 -2.84 -16.69
C GLY A 215 3.52 -4.15 -17.44
N HIS A 216 4.14 -4.10 -18.62
CA HIS A 216 4.32 -5.30 -19.42
C HIS A 216 5.64 -5.38 -20.15
N THR A 217 6.25 -6.56 -20.09
CA THR A 217 7.39 -6.90 -20.91
C THR A 217 7.16 -8.33 -21.35
N ASP A 218 7.75 -8.66 -22.49
CA ASP A 218 7.66 -10.00 -23.03
C ASP A 218 8.14 -11.01 -21.99
N LYS A 219 9.25 -10.71 -21.31
CA LYS A 219 9.75 -11.63 -20.29
C LYS A 219 8.90 -11.74 -19.01
N ALA A 220 8.49 -10.60 -18.45
CA ALA A 220 7.72 -10.59 -17.20
C ALA A 220 6.20 -10.71 -17.35
N GLY A 221 5.70 -10.67 -18.59
CA GLY A 221 4.27 -10.76 -18.82
C GLY A 221 3.54 -9.49 -18.41
N TYR A 222 2.22 -9.58 -18.24
CA TYR A 222 1.47 -8.41 -17.80
C TYR A 222 1.57 -8.30 -16.29
N ASN A 223 1.71 -7.08 -15.77
CA ASN A 223 1.82 -6.90 -14.32
C ASN A 223 1.05 -5.68 -13.85
N LEU A 224 0.33 -5.82 -12.74
CA LEU A 224 -0.52 -4.73 -12.31
C LEU A 224 -0.74 -4.70 -10.82
N VAL A 225 -0.52 -3.54 -10.24
CA VAL A 225 -0.89 -3.35 -8.85
C VAL A 225 -2.03 -2.35 -8.91
N ALA A 226 -3.20 -2.73 -8.40
CA ALA A 226 -4.32 -1.82 -8.44
C ALA A 226 -4.93 -1.62 -7.07
N SER A 227 -5.63 -0.51 -6.91
CA SER A 227 -6.32 -0.27 -5.66
C SER A 227 -7.66 0.42 -5.92
N ALA A 228 -8.67 -0.04 -5.18
CA ALA A 228 -10.01 0.51 -5.33
C ALA A 228 -10.72 0.68 -3.99
N THR A 229 -11.74 1.54 -3.96
CA THR A 229 -12.48 1.80 -2.74
C THR A 229 -13.95 1.59 -2.98
N GLU A 230 -14.68 1.36 -1.90
CA GLU A 230 -16.12 1.31 -1.97
C GLU A 230 -16.57 1.91 -0.63
N GLY A 231 -16.80 3.21 -0.66
CA GLY A 231 -17.17 3.93 0.55
C GLY A 231 -15.97 4.08 1.46
N GLN A 232 -16.01 3.37 2.58
CA GLN A 232 -14.96 3.49 3.57
C GLN A 232 -13.93 2.37 3.47
N MET A 233 -14.17 1.44 2.54
CA MET A 233 -13.33 0.26 2.42
C MET A 233 -12.38 0.34 1.23
N ARG A 234 -11.12 -0.04 1.41
CA ARG A 234 -10.16 -0.04 0.31
C ARG A 234 -9.44 -1.37 0.14
N LEU A 235 -9.34 -1.83 -1.11
CA LEU A 235 -8.64 -3.07 -1.40
C LEU A 235 -7.49 -2.82 -2.35
N ILE A 236 -6.47 -3.66 -2.26
CA ILE A 236 -5.29 -3.59 -3.11
C ILE A 236 -5.03 -4.96 -3.72
N SER A 237 -4.94 -5.03 -5.04
CA SER A 237 -4.62 -6.28 -5.71
C SER A 237 -3.30 -6.15 -6.41
N ALA A 238 -2.63 -7.30 -6.55
CA ALA A 238 -1.39 -7.37 -7.28
C ALA A 238 -1.45 -8.64 -8.09
N VAL A 239 -1.32 -8.53 -9.40
CA VAL A 239 -1.38 -9.67 -10.29
C VAL A 239 -0.17 -9.62 -11.17
N MET A 240 0.69 -10.64 -11.03
CA MET A 240 1.95 -10.65 -11.73
C MET A 240 2.07 -11.82 -12.68
N GLY A 241 2.72 -11.59 -13.81
CA GLY A 241 2.88 -12.63 -14.81
C GLY A 241 1.53 -12.97 -15.41
N GLY A 242 0.70 -11.95 -15.59
CA GLY A 242 -0.58 -12.11 -16.25
C GLY A 242 -0.27 -12.58 -17.67
N ARG A 243 -1.01 -13.58 -18.13
CA ARG A 243 -0.65 -14.23 -19.39
C ARG A 243 -1.14 -13.61 -20.69
N THR A 244 -2.30 -12.96 -20.66
CA THR A 244 -2.84 -12.39 -21.89
C THR A 244 -3.11 -10.91 -21.83
N PHE A 245 -3.14 -10.30 -23.01
CA PHE A 245 -3.47 -8.90 -23.18
C PHE A 245 -4.90 -8.67 -22.76
N LYS A 246 -5.78 -9.57 -23.17
CA LYS A 246 -7.20 -9.44 -22.85
C LYS A 246 -7.47 -9.46 -21.34
N GLY A 247 -6.60 -10.11 -20.58
CA GLY A 247 -6.80 -10.20 -19.15
C GLY A 247 -6.04 -9.16 -18.33
N ARG A 248 -5.30 -8.29 -19.02
CA ARG A 248 -4.39 -7.36 -18.35
C ARG A 248 -5.09 -6.46 -17.33
N GLU A 249 -6.36 -6.15 -17.55
CA GLU A 249 -7.12 -5.36 -16.60
C GLU A 249 -8.26 -6.17 -16.00
N ALA A 250 -8.85 -7.04 -16.82
CA ALA A 250 -10.01 -7.85 -16.43
C ALA A 250 -9.75 -8.83 -15.27
N GLU A 251 -8.57 -9.44 -15.21
CA GLU A 251 -8.29 -10.37 -14.12
C GLU A 251 -8.30 -9.67 -12.78
N SER A 252 -7.70 -8.48 -12.73
CA SER A 252 -7.67 -7.72 -11.49
C SER A 252 -9.04 -7.15 -11.16
N LYS A 253 -9.79 -6.72 -12.17
CA LYS A 253 -11.15 -6.23 -11.94
C LYS A 253 -11.97 -7.33 -11.26
N LYS A 254 -11.89 -8.53 -11.80
CA LYS A 254 -12.62 -9.67 -11.26
C LYS A 254 -12.28 -9.95 -9.78
N LEU A 255 -10.99 -9.85 -9.47
CA LEU A 255 -10.46 -10.11 -8.14
C LEU A 255 -10.92 -9.05 -7.16
N LEU A 256 -10.84 -7.79 -7.58
CA LEU A 256 -11.25 -6.71 -6.69
C LEU A 256 -12.73 -6.79 -6.42
N THR A 257 -13.48 -7.06 -7.47
CA THR A 257 -14.95 -7.09 -7.41
C THR A 257 -15.40 -8.20 -6.47
N TRP A 258 -14.74 -9.35 -6.59
CA TRP A 258 -14.98 -10.50 -5.73
C TRP A 258 -14.72 -10.11 -4.27
N GLY A 259 -13.60 -9.44 -4.01
CA GLY A 259 -13.26 -9.01 -2.66
C GLY A 259 -14.34 -8.18 -2.01
N PHE A 260 -14.81 -7.18 -2.74
CA PHE A 260 -15.89 -6.32 -2.25
C PHE A 260 -17.22 -7.07 -2.06
N ARG A 261 -17.46 -8.11 -2.86
CA ARG A 261 -18.70 -8.87 -2.76
C ARG A 261 -18.75 -9.77 -1.53
N PHE A 262 -17.62 -10.38 -1.21
CA PHE A 262 -17.62 -11.34 -0.13
C PHE A 262 -16.99 -10.89 1.17
N PHE A 263 -16.38 -9.71 1.19
CA PHE A 263 -15.74 -9.23 2.41
C PHE A 263 -16.11 -7.79 2.74
N GLU A 264 -16.07 -7.47 4.03
CA GLU A 264 -16.32 -6.12 4.49
C GLU A 264 -15.30 -5.81 5.59
N THR A 265 -14.93 -4.54 5.68
CA THR A 265 -13.93 -4.14 6.66
C THR A 265 -14.59 -3.29 7.73
N VAL A 266 -14.37 -3.65 8.99
CA VAL A 266 -14.98 -2.90 10.07
C VAL A 266 -13.93 -2.21 10.92
N ASN A 267 -14.33 -1.11 11.53
CA ASN A 267 -13.49 -0.32 12.41
C ASN A 267 -14.11 -0.27 13.82
N PRO A 268 -14.01 -1.37 14.55
CA PRO A 268 -14.68 -1.52 15.85
C PRO A 268 -14.17 -0.60 16.95
N LEU A 269 -12.95 -0.10 16.82
CA LEU A 269 -12.40 0.77 17.84
C LEU A 269 -11.27 1.65 17.31
N LYS A 270 -11.38 2.96 17.55
CA LYS A 270 -10.33 3.91 17.19
C LYS A 270 -9.59 4.33 18.46
N VAL A 271 -8.35 4.80 18.32
CA VAL A 271 -7.54 5.18 19.48
C VAL A 271 -8.07 6.39 20.22
N GLY A 272 -8.01 6.32 21.55
CA GLY A 272 -8.52 7.39 22.38
C GLY A 272 -9.93 7.13 22.86
N LYS A 273 -10.67 6.26 22.16
CA LYS A 273 -12.03 5.94 22.56
C LYS A 273 -12.00 4.87 23.65
N GLU A 274 -12.79 5.07 24.71
CA GLU A 274 -12.84 4.14 25.83
C GLU A 274 -13.61 2.86 25.50
N PHE A 275 -12.88 1.77 25.36
CA PHE A 275 -13.51 0.49 25.11
C PHE A 275 -14.16 0.02 26.40
N ALA A 276 -13.46 0.27 27.50
CA ALA A 276 -13.90 -0.15 28.82
C ALA A 276 -13.34 0.70 29.96
N SER A 277 -14.03 0.63 31.10
CA SER A 277 -13.66 1.33 32.32
C SER A 277 -13.33 0.27 33.36
N GLU A 278 -12.33 0.52 34.19
CA GLU A 278 -11.89 -0.47 35.15
C GLU A 278 -11.40 0.14 36.46
N PRO A 279 -11.72 -0.50 37.59
CA PRO A 279 -11.26 0.00 38.89
C PRO A 279 -9.74 -0.10 39.03
N VAL A 280 -9.16 0.90 39.67
CA VAL A 280 -7.73 0.96 39.92
C VAL A 280 -7.49 1.15 41.39
N TRP A 281 -6.50 0.44 41.91
CA TRP A 281 -6.18 0.54 43.33
C TRP A 281 -4.99 1.44 43.53
N PHE A 282 -4.96 2.12 44.66
CA PHE A 282 -3.80 2.94 45.06
C PHE A 282 -3.49 4.16 44.20
N GLY A 283 -4.43 4.59 43.36
CA GLY A 283 -4.19 5.71 42.47
C GLY A 283 -4.73 7.07 42.91
N ASP A 284 -4.37 8.11 42.16
CA ASP A 284 -4.87 9.47 42.44
C ASP A 284 -6.31 9.63 41.94
N SER A 285 -6.81 8.59 41.29
CA SER A 285 -8.22 8.50 40.88
C SER A 285 -8.54 7.01 40.96
N ASP A 286 -9.81 6.64 40.97
CA ASP A 286 -10.11 5.22 41.17
C ASP A 286 -10.63 4.46 39.97
N ARG A 287 -10.56 5.07 38.78
CA ARG A 287 -11.05 4.41 37.59
C ARG A 287 -10.07 4.56 36.44
N ALA A 288 -9.77 3.47 35.74
CA ALA A 288 -8.93 3.57 34.56
C ALA A 288 -9.78 3.47 33.28
N SER A 289 -9.43 4.28 32.28
CA SER A 289 -10.10 4.30 30.98
C SER A 289 -9.24 3.50 30.00
N LEU A 290 -9.80 2.43 29.44
CA LEU A 290 -9.02 1.49 28.62
C LEU A 290 -9.45 1.45 27.15
N GLY A 291 -8.46 1.29 26.27
CA GLY A 291 -8.67 1.26 24.83
C GLY A 291 -7.44 0.72 24.10
N VAL A 292 -7.17 1.29 22.93
CA VAL A 292 -6.04 0.88 22.13
C VAL A 292 -5.21 2.11 21.75
N ASP A 293 -3.97 1.88 21.30
CA ASP A 293 -3.11 2.99 20.88
C ASP A 293 -2.89 2.94 19.38
N LYS A 294 -3.67 2.10 18.72
CA LYS A 294 -3.65 1.96 17.27
C LYS A 294 -5.05 1.58 16.81
N ASP A 295 -5.57 2.30 15.82
CA ASP A 295 -6.90 2.02 15.29
C ASP A 295 -7.10 0.55 14.96
N VAL A 296 -8.30 0.04 15.23
CA VAL A 296 -8.59 -1.36 14.93
C VAL A 296 -9.39 -1.55 13.66
N TYR A 297 -8.85 -2.33 12.73
CA TYR A 297 -9.56 -2.60 11.50
C TYR A 297 -9.57 -4.11 11.32
N LEU A 298 -10.74 -4.68 11.05
CA LEU A 298 -10.88 -6.11 10.85
C LEU A 298 -11.60 -6.36 9.52
N THR A 299 -11.17 -7.38 8.80
CA THR A 299 -11.85 -7.73 7.59
C THR A 299 -12.55 -9.05 7.89
N ILE A 300 -13.86 -9.07 7.67
CA ILE A 300 -14.66 -10.27 7.94
C ILE A 300 -15.56 -10.56 6.74
N PRO A 301 -16.14 -11.76 6.69
CA PRO A 301 -17.03 -12.13 5.58
C PRO A 301 -18.17 -11.13 5.55
N ARG A 302 -18.54 -10.67 4.36
CA ARG A 302 -19.59 -9.66 4.23
C ARG A 302 -20.92 -10.15 4.82
N GLY A 303 -21.53 -9.31 5.65
CA GLY A 303 -22.79 -9.64 6.27
C GLY A 303 -22.69 -10.30 7.63
N ARG A 304 -21.56 -10.12 8.29
CA ARG A 304 -21.36 -10.78 9.59
C ARG A 304 -21.07 -9.81 10.72
N MET A 305 -21.10 -8.51 10.41
CA MET A 305 -20.81 -7.48 11.39
C MET A 305 -21.58 -7.73 12.68
N LYS A 306 -22.88 -7.96 12.55
CA LYS A 306 -23.75 -8.15 13.69
C LYS A 306 -23.34 -9.34 14.55
N ASP A 307 -22.66 -10.31 13.96
CA ASP A 307 -22.25 -11.49 14.72
C ASP A 307 -20.87 -11.32 15.37
N LEU A 308 -20.24 -10.18 15.14
CA LEU A 308 -18.89 -9.92 15.67
C LEU A 308 -18.94 -9.65 17.17
N LYS A 309 -18.22 -10.44 17.94
CA LYS A 309 -18.24 -10.22 19.40
C LYS A 309 -16.92 -9.69 19.94
N ALA A 310 -17.00 -8.69 20.79
CA ALA A 310 -15.81 -8.10 21.38
C ALA A 310 -15.82 -8.17 22.91
N SER A 311 -14.72 -8.60 23.49
CA SER A 311 -14.60 -8.67 24.94
C SER A 311 -13.14 -8.36 25.31
N TYR A 312 -12.80 -8.48 26.58
CA TYR A 312 -11.41 -8.27 26.99
C TYR A 312 -11.08 -9.05 28.25
N VAL A 313 -9.79 -9.28 28.47
CA VAL A 313 -9.31 -9.87 29.71
C VAL A 313 -8.18 -8.98 30.24
N LEU A 314 -7.98 -8.97 31.55
CA LEU A 314 -6.93 -8.17 32.18
C LEU A 314 -5.70 -9.02 32.43
N ASN A 315 -4.53 -8.48 32.16
CA ASN A 315 -3.31 -9.24 32.35
C ASN A 315 -2.96 -9.60 33.80
N SER A 316 -3.73 -9.06 34.73
CA SER A 316 -3.52 -9.36 36.14
C SER A 316 -4.85 -9.32 36.85
N SER A 317 -4.93 -9.98 37.99
CA SER A 317 -6.19 -10.05 38.75
C SER A 317 -6.95 -8.73 38.73
N GLU A 318 -6.25 -7.63 38.97
CA GLU A 318 -6.85 -6.30 38.96
C GLU A 318 -5.80 -5.21 38.79
N LEU A 319 -6.24 -3.97 38.64
CA LEU A 319 -5.33 -2.88 38.32
C LEU A 319 -4.84 -2.08 39.51
N HIS A 320 -3.52 -1.88 39.56
CA HIS A 320 -2.88 -1.07 40.60
C HIS A 320 -2.17 0.11 39.96
N ALA A 321 -2.28 1.27 40.59
CA ALA A 321 -1.50 2.43 40.18
C ALA A 321 -0.04 2.10 40.54
N PRO A 322 0.94 2.72 39.88
CA PRO A 322 0.71 3.72 38.84
C PRO A 322 0.53 3.11 37.48
N LEU A 323 -0.17 3.83 36.63
CA LEU A 323 -0.41 3.40 35.26
C LEU A 323 0.07 4.49 34.33
N GLN A 324 0.81 4.10 33.31
CA GLN A 324 1.27 5.04 32.30
C GLN A 324 0.32 5.08 31.12
N LYS A 325 0.22 6.25 30.50
CA LYS A 325 -0.56 6.36 29.26
C LYS A 325 0.00 5.35 28.27
N ASN A 326 -0.90 4.56 27.68
CA ASN A 326 -0.56 3.53 26.70
C ASN A 326 0.13 2.30 27.29
N GLN A 327 0.06 2.15 28.59
CA GLN A 327 0.61 0.95 29.23
C GLN A 327 -0.31 -0.22 28.85
N VAL A 328 0.26 -1.27 28.26
CA VAL A 328 -0.54 -2.46 27.91
C VAL A 328 -0.92 -3.19 29.19
N VAL A 329 -2.22 -3.40 29.44
CA VAL A 329 -2.65 -4.05 30.67
C VAL A 329 -3.61 -5.22 30.42
N GLY A 330 -3.85 -5.54 29.15
CA GLY A 330 -4.76 -6.62 28.87
C GLY A 330 -4.85 -6.88 27.40
N THR A 331 -5.91 -7.57 27.02
CA THR A 331 -6.10 -7.99 25.64
C THR A 331 -7.55 -7.84 25.19
N ILE A 332 -7.77 -7.27 24.00
CA ILE A 332 -9.10 -7.20 23.43
C ILE A 332 -9.27 -8.38 22.47
N ASN A 333 -10.33 -9.16 22.67
CA ASN A 333 -10.60 -10.35 21.86
C ASN A 333 -11.85 -10.15 20.99
N PHE A 334 -11.71 -10.34 19.67
CA PHE A 334 -12.83 -10.26 18.75
C PHE A 334 -13.20 -11.65 18.23
N GLN A 335 -14.46 -12.03 18.33
CA GLN A 335 -14.82 -13.32 17.77
C GLN A 335 -16.04 -13.35 16.86
N LEU A 336 -16.06 -14.41 16.07
CA LEU A 336 -17.13 -14.68 15.15
C LEU A 336 -17.41 -16.15 15.35
N ASP A 337 -18.66 -16.50 15.63
CA ASP A 337 -19.07 -17.89 15.83
C ASP A 337 -18.33 -18.58 16.97
N GLY A 338 -18.14 -17.88 18.07
CA GLY A 338 -17.40 -18.43 19.19
C GLY A 338 -15.89 -18.39 19.03
N LYS A 339 -15.43 -18.31 17.78
CA LYS A 339 -13.99 -18.30 17.48
C LYS A 339 -13.36 -16.90 17.59
N THR A 340 -12.16 -16.84 18.16
CA THR A 340 -11.43 -15.58 18.25
C THR A 340 -10.65 -15.35 16.96
N ILE A 341 -11.02 -14.31 16.22
CA ILE A 341 -10.37 -14.06 14.94
C ILE A 341 -9.31 -12.97 14.99
N GLU A 342 -9.31 -12.20 16.07
CA GLU A 342 -8.32 -11.13 16.19
C GLU A 342 -8.12 -10.73 17.65
N GLN A 343 -6.87 -10.46 18.02
CA GLN A 343 -6.53 -10.02 19.36
C GLN A 343 -5.76 -8.71 19.27
N ARG A 344 -5.96 -7.82 20.25
CA ARG A 344 -5.22 -6.56 20.31
C ARG A 344 -4.93 -6.18 21.76
N PRO A 345 -3.76 -5.58 21.99
CA PRO A 345 -3.40 -5.08 23.32
C PRO A 345 -4.37 -4.02 23.85
N LEU A 346 -4.81 -4.21 25.09
CA LEU A 346 -5.67 -3.25 25.78
C LEU A 346 -4.77 -2.26 26.52
N VAL A 347 -4.86 -0.97 26.21
CA VAL A 347 -4.02 0.00 26.90
C VAL A 347 -4.73 1.06 27.75
N VAL A 348 -4.00 1.58 28.73
CA VAL A 348 -4.49 2.66 29.58
C VAL A 348 -4.46 3.96 28.76
N LEU A 349 -5.62 4.62 28.67
CA LEU A 349 -5.74 5.83 27.87
C LEU A 349 -5.25 7.10 28.56
N GLN A 350 -5.26 7.11 29.89
CA GLN A 350 -4.67 8.23 30.63
C GLN A 350 -3.99 7.76 31.90
N GLU A 351 -2.82 8.35 32.13
CA GLU A 351 -1.96 8.03 33.26
C GLU A 351 -2.70 8.18 34.59
N ILE A 352 -2.50 7.20 35.46
CA ILE A 352 -3.04 7.26 36.80
C ILE A 352 -1.87 7.04 37.74
N PRO A 353 -1.37 8.12 38.31
CA PRO A 353 -0.22 8.05 39.21
C PRO A 353 -0.60 7.48 40.56
N GLU A 354 0.40 6.98 41.28
CA GLU A 354 0.16 6.42 42.60
C GLU A 354 -0.48 7.47 43.49
N GLY A 355 -1.41 7.04 44.34
CA GLY A 355 -2.06 7.96 45.25
C GLY A 355 -1.09 8.49 46.30
C1 BME B . 9.16 8.60 -10.54
C2 BME B . 8.71 7.64 -11.61
O1 BME B . 9.62 9.77 -11.19
S2 BME B . 10.10 6.56 -12.00
#